data_3U2K
#
_entry.id   3U2K
#
_cell.length_a   143.175
_cell.length_b   55.497
_cell.length_c   51.349
_cell.angle_alpha   90.000
_cell.angle_beta   100.670
_cell.angle_gamma   90.000
#
_symmetry.space_group_name_H-M   'C 1 2 1'
#
loop_
_entity.id
_entity.type
_entity.pdbx_description
1 polymer 'DNA gyrase subunit B'
2 non-polymer 2-chloro-6-(4-{[(3,4-dichloro-5-methyl-1H-pyrrol-2-yl)carbonyl]amino}piperidin-1-yl)pyridine-4-carboxamide
3 non-polymer 'MAGNESIUM ION'
4 water water
#
_entity_poly.entity_id   1
_entity_poly.type   'polypeptide(L)'
_entity_poly.pdbx_seq_one_letter_code
;MYGAGQIQVLEGLEAVRKRPGMYIGSTSERGLHHLVWEIVDNSIDEALAGYANQIEVVIEKDNWIKVTDNGRGIPVDIQE
KMGRPAVEVILTSSVVNALSQDLEVYVHRNETIYHQAYKKGVPQFDLKEVGTTDKTGTVIRFKADGEIFTETTVYNYETL
QQRIRELAFLNKGIQITLRDERDEENVREDSYHYEGGI
;
_entity_poly.pdbx_strand_id   A,B
#
loop_
_chem_comp.id
_chem_comp.type
_chem_comp.name
_chem_comp.formula
087 non-polymer 2-chloro-6-(4-{[(3,4-dichloro-5-methyl-1H-pyrrol-2-yl)carbonyl]amino}piperidin-1-yl)pyridine-4-carboxamide 'C17 H18 Cl3 N5 O2'
MG non-polymer 'MAGNESIUM ION' 'Mg 2'
#
# COMPACT_ATOMS: atom_id res chain seq x y z
N TYR A 2 18.53 1.20 -14.61
CA TYR A 2 18.80 0.33 -15.79
C TYR A 2 20.17 -0.34 -15.69
N GLY A 3 20.50 -0.83 -14.50
CA GLY A 3 21.69 -1.64 -14.29
C GLY A 3 21.47 -3.03 -14.85
N ALA A 4 22.54 -3.79 -14.98
CA ALA A 4 22.48 -5.16 -15.49
C ALA A 4 21.40 -6.00 -14.81
N GLY A 5 21.23 -5.79 -13.50
CA GLY A 5 20.23 -6.51 -12.72
C GLY A 5 18.81 -6.31 -13.19
N GLN A 6 18.42 -5.04 -13.36
CA GLN A 6 17.06 -4.69 -13.77
C GLN A 6 16.79 -5.09 -15.22
N ILE A 7 17.83 -5.01 -16.06
CA ILE A 7 17.74 -5.46 -17.45
C ILE A 7 17.46 -6.96 -17.53
N GLN A 8 18.16 -7.73 -16.71
CA GLN A 8 17.94 -9.18 -16.65
C GLN A 8 16.53 -9.52 -16.16
N VAL A 9 16.03 -8.74 -15.20
CA VAL A 9 14.66 -8.91 -14.69
C VAL A 9 13.64 -8.81 -15.83
N LEU A 10 13.72 -7.71 -16.58
CA LEU A 10 12.78 -7.46 -17.68
C LEU A 10 12.87 -8.52 -18.78
N GLU A 11 14.08 -8.97 -19.10
CA GLU A 11 14.26 -10.05 -20.07
C GLU A 11 13.62 -11.34 -19.56
N GLY A 12 13.72 -11.59 -18.26
CA GLY A 12 13.12 -12.78 -17.66
C GLY A 12 11.60 -12.77 -17.75
N LEU A 13 10.99 -11.62 -17.47
CA LEU A 13 9.55 -11.49 -17.61
C LEU A 13 9.11 -11.72 -19.05
N GLU A 14 9.85 -11.14 -20.00
CA GLU A 14 9.54 -11.31 -21.42
C GLU A 14 9.60 -12.80 -21.79
N ALA A 15 10.61 -13.50 -21.29
CA ALA A 15 10.79 -14.93 -21.62
C ALA A 15 9.65 -15.80 -21.09
N VAL A 16 9.22 -15.56 -19.84
CA VAL A 16 8.13 -16.33 -19.25
C VAL A 16 6.82 -16.11 -19.99
N ARG A 17 6.52 -14.85 -20.29
CA ARG A 17 5.25 -14.50 -20.95
C ARG A 17 5.20 -14.94 -22.41
N LYS A 18 6.37 -15.11 -23.03
CA LYS A 18 6.46 -15.58 -24.41
C LYS A 18 6.20 -17.09 -24.56
N ARG A 19 6.64 -17.89 -23.58
CA ARG A 19 6.50 -19.35 -23.63
C ARG A 19 6.03 -19.89 -22.28
N PRO A 20 4.84 -19.43 -21.83
CA PRO A 20 4.36 -19.77 -20.48
C PRO A 20 4.23 -21.27 -20.22
N GLY A 21 3.79 -22.03 -21.23
CA GLY A 21 3.61 -23.48 -21.09
C GLY A 21 4.88 -24.25 -20.74
N MET A 22 6.02 -23.71 -21.16
CA MET A 22 7.32 -24.31 -20.86
C MET A 22 7.66 -24.19 -19.37
N TYR A 23 7.10 -23.17 -18.73
CA TYR A 23 7.30 -22.93 -17.30
C TYR A 23 6.29 -23.63 -16.41
N ILE A 24 5.02 -23.64 -16.81
CA ILE A 24 3.97 -24.19 -15.96
C ILE A 24 3.19 -25.38 -16.55
N GLY A 25 3.67 -25.91 -17.66
CA GLY A 25 3.10 -27.11 -18.26
C GLY A 25 2.12 -26.81 -19.38
N SER A 26 1.23 -25.87 -19.11
CA SER A 26 0.14 -25.53 -20.01
C SER A 26 -0.44 -24.18 -19.61
N THR A 27 -1.26 -23.60 -20.47
CA THR A 27 -2.03 -22.40 -20.10
C THR A 27 -3.52 -22.72 -20.04
N SER A 28 -3.82 -24.01 -19.94
CA SER A 28 -5.17 -24.50 -19.74
C SER A 28 -5.58 -24.32 -18.28
N GLU A 29 -6.73 -24.88 -17.93
CA GLU A 29 -7.18 -24.91 -16.54
C GLU A 29 -6.14 -25.56 -15.61
N ARG A 30 -5.43 -26.57 -16.11
CA ARG A 30 -4.38 -27.25 -15.34
C ARG A 30 -3.25 -26.28 -14.98
N GLY A 31 -2.83 -25.47 -15.95
CA GLY A 31 -1.80 -24.47 -15.71
C GLY A 31 -2.25 -23.38 -14.75
N LEU A 32 -3.51 -22.95 -14.88
CA LEU A 32 -4.08 -21.97 -13.96
C LEU A 32 -3.94 -22.43 -12.51
N HIS A 33 -4.33 -23.67 -12.22
CA HIS A 33 -4.26 -24.18 -10.86
C HIS A 33 -2.80 -24.36 -10.39
N HIS A 34 -1.90 -24.66 -11.32
CA HIS A 34 -0.47 -24.75 -11.02
C HIS A 34 0.09 -23.47 -10.37
N LEU A 35 -0.45 -22.31 -10.74
CA LEU A 35 -0.05 -21.03 -10.14
C LEU A 35 -0.19 -21.10 -8.63
N VAL A 36 -1.30 -21.65 -8.15
CA VAL A 36 -1.53 -21.78 -6.72
C VAL A 36 -0.45 -22.64 -6.07
N TRP A 37 -0.14 -23.78 -6.69
CA TRP A 37 0.86 -24.69 -6.12
C TRP A 37 2.27 -24.10 -6.10
N GLU A 38 2.59 -23.29 -7.10
CA GLU A 38 3.89 -22.64 -7.15
C GLU A 38 4.09 -21.74 -5.94
N ILE A 39 3.04 -21.02 -5.56
CA ILE A 39 3.11 -20.14 -4.38
C ILE A 39 3.12 -20.97 -3.10
N VAL A 40 2.17 -21.89 -2.99
CA VAL A 40 2.03 -22.69 -1.77
C VAL A 40 3.28 -23.51 -1.44
N ASP A 41 3.97 -23.99 -2.46
N ASP A 41 3.97 -23.99 -2.47
CA ASP A 41 5.22 -24.73 -2.25
CA ASP A 41 5.22 -24.71 -2.30
C ASP A 41 6.26 -23.96 -1.44
C ASP A 41 6.25 -23.96 -1.45
N ASN A 42 6.30 -22.63 -1.62
CA ASN A 42 7.20 -21.80 -0.83
C ASN A 42 6.86 -21.87 0.66
N SER A 43 5.57 -21.81 0.96
CA SER A 43 5.09 -21.89 2.35
C SER A 43 5.35 -23.25 2.97
N ILE A 44 5.15 -24.30 2.17
N ILE A 44 5.15 -24.31 2.18
CA ILE A 44 5.41 -25.66 2.64
CA ILE A 44 5.41 -25.66 2.66
C ILE A 44 6.88 -25.81 3.05
C ILE A 44 6.87 -25.84 3.03
N ASP A 45 7.78 -25.36 2.18
CA ASP A 45 9.22 -25.44 2.45
C ASP A 45 9.57 -24.68 3.74
N GLU A 46 8.94 -23.53 3.93
CA GLU A 46 9.18 -22.70 5.11
C GLU A 46 8.70 -23.40 6.38
N ALA A 47 7.57 -24.10 6.28
CA ALA A 47 7.08 -24.93 7.37
C ALA A 47 8.01 -26.10 7.65
N LEU A 48 8.45 -26.80 6.61
CA LEU A 48 9.35 -27.93 6.79
C LEU A 48 10.70 -27.50 7.36
N ALA A 49 11.11 -26.27 7.07
CA ALA A 49 12.36 -25.72 7.61
C ALA A 49 12.25 -25.38 9.10
N GLY A 50 11.03 -25.40 9.64
CA GLY A 50 10.76 -25.24 11.06
C GLY A 50 10.24 -23.86 11.45
N TYR A 51 9.74 -23.10 10.49
CA TYR A 51 9.42 -21.69 10.72
C TYR A 51 7.97 -21.28 10.45
N ALA A 52 7.13 -22.23 10.07
CA ALA A 52 5.72 -21.98 9.79
C ALA A 52 4.91 -23.22 10.08
N ASN A 53 3.62 -23.04 10.33
CA ASN A 53 2.72 -24.17 10.55
C ASN A 53 1.28 -23.95 10.12
N GLN A 54 1.00 -22.81 9.49
CA GLN A 54 -0.32 -22.48 8.99
C GLN A 54 -0.22 -21.87 7.61
N ILE A 55 -1.04 -22.39 6.70
CA ILE A 55 -1.14 -21.87 5.35
C ILE A 55 -2.62 -21.73 5.04
N GLU A 56 -3.00 -20.58 4.48
CA GLU A 56 -4.38 -20.34 4.10
C GLU A 56 -4.44 -19.92 2.64
N VAL A 57 -5.28 -20.63 1.88
CA VAL A 57 -5.53 -20.31 0.47
C VAL A 57 -6.98 -19.85 0.36
N VAL A 58 -7.19 -18.63 -0.13
CA VAL A 58 -8.53 -18.07 -0.32
C VAL A 58 -8.79 -17.79 -1.80
N ILE A 59 -9.92 -18.27 -2.31
CA ILE A 59 -10.40 -17.85 -3.62
C ILE A 59 -11.29 -16.64 -3.39
N GLU A 60 -10.82 -15.47 -3.85
CA GLU A 60 -11.47 -14.20 -3.61
C GLU A 60 -12.32 -13.82 -4.82
N LYS A 61 -13.21 -12.85 -4.62
CA LYS A 61 -14.03 -12.31 -5.69
C LYS A 61 -13.22 -12.08 -6.97
N ASP A 62 -13.83 -12.40 -8.10
N ASP A 62 -13.82 -12.42 -8.10
CA ASP A 62 -13.21 -12.31 -9.43
CA ASP A 62 -13.19 -12.32 -9.43
C ASP A 62 -11.99 -13.21 -9.60
C ASP A 62 -11.98 -13.21 -9.60
N ASN A 63 -11.94 -14.29 -8.82
CA ASN A 63 -10.90 -15.31 -8.94
C ASN A 63 -9.49 -14.76 -8.75
N TRP A 64 -9.37 -13.84 -7.80
CA TRP A 64 -8.10 -13.59 -7.15
C TRP A 64 -7.82 -14.78 -6.23
N ILE A 65 -6.53 -15.06 -6.02
CA ILE A 65 -6.09 -16.05 -5.05
C ILE A 65 -5.27 -15.32 -3.99
N LYS A 66 -5.54 -15.60 -2.72
CA LYS A 66 -4.68 -15.11 -1.63
C LYS A 66 -4.09 -16.28 -0.88
N VAL A 67 -2.77 -16.29 -0.76
CA VAL A 67 -2.06 -17.30 0.02
C VAL A 67 -1.38 -16.59 1.18
N THR A 68 -1.62 -17.08 2.40
CA THR A 68 -1.01 -16.53 3.61
C THR A 68 -0.32 -17.63 4.39
N ASP A 69 0.91 -17.37 4.84
CA ASP A 69 1.56 -18.25 5.80
C ASP A 69 2.03 -17.48 7.02
N ASN A 70 2.41 -18.21 8.06
CA ASN A 70 2.95 -17.62 9.28
C ASN A 70 4.42 -17.95 9.43
N GLY A 71 5.12 -17.99 8.30
CA GLY A 71 6.58 -18.14 8.28
C GLY A 71 7.29 -16.87 8.69
N ARG A 72 8.58 -16.78 8.36
CA ARG A 72 9.39 -15.63 8.78
C ARG A 72 9.10 -14.37 7.98
N GLY A 73 8.44 -14.52 6.83
CA GLY A 73 8.24 -13.41 5.90
C GLY A 73 9.39 -13.30 4.93
N ILE A 74 9.10 -13.07 3.65
CA ILE A 74 10.16 -12.91 2.66
C ILE A 74 11.03 -11.71 3.07
N PRO A 75 12.36 -11.87 3.08
CA PRO A 75 13.16 -10.74 3.55
C PRO A 75 13.03 -9.48 2.71
N VAL A 76 13.25 -8.34 3.35
CA VAL A 76 13.10 -7.04 2.72
C VAL A 76 14.41 -6.24 2.68
N ASP A 77 15.50 -6.81 3.17
CA ASP A 77 16.77 -6.08 3.20
C ASP A 77 17.27 -5.82 1.78
N ILE A 78 17.99 -4.71 1.63
CA ILE A 78 18.50 -4.29 0.34
C ILE A 78 19.65 -5.18 -0.05
N GLN A 79 19.49 -5.82 -1.21
CA GLN A 79 20.32 -6.93 -1.63
C GLN A 79 21.60 -6.46 -2.30
N GLU A 80 22.63 -7.31 -2.25
CA GLU A 80 23.90 -7.02 -2.89
C GLU A 80 23.80 -7.01 -4.42
N LYS A 81 23.28 -8.09 -5.00
CA LYS A 81 23.20 -8.22 -6.46
C LYS A 81 22.46 -7.04 -7.09
N MET A 82 21.22 -6.81 -6.65
CA MET A 82 20.29 -5.91 -7.33
C MET A 82 20.23 -4.49 -6.77
N GLY A 83 20.65 -4.29 -5.53
CA GLY A 83 20.46 -3.01 -4.86
C GLY A 83 18.98 -2.74 -4.61
N ARG A 84 18.19 -3.82 -4.57
CA ARG A 84 16.75 -3.73 -4.37
C ARG A 84 16.38 -4.63 -3.20
N PRO A 85 15.21 -4.39 -2.58
CA PRO A 85 14.79 -5.28 -1.51
C PRO A 85 14.72 -6.73 -1.98
N ALA A 86 15.14 -7.66 -1.13
CA ALA A 86 15.17 -9.08 -1.46
C ALA A 86 13.83 -9.57 -1.99
N VAL A 87 12.75 -9.17 -1.32
CA VAL A 87 11.39 -9.58 -1.73
C VAL A 87 11.08 -9.17 -3.17
N GLU A 88 11.51 -7.99 -3.59
CA GLU A 88 11.28 -7.53 -4.96
C GLU A 88 12.04 -8.42 -5.96
N VAL A 89 13.29 -8.76 -5.65
CA VAL A 89 14.08 -9.61 -6.54
C VAL A 89 13.44 -11.00 -6.68
N ILE A 90 13.01 -11.57 -5.56
CA ILE A 90 12.39 -12.88 -5.53
C ILE A 90 11.09 -12.88 -6.34
N LEU A 91 10.28 -11.84 -6.17
CA LEU A 91 8.97 -11.82 -6.86
C LEU A 91 9.07 -11.38 -8.34
N THR A 92 10.03 -10.53 -8.68
CA THR A 92 10.22 -10.18 -10.10
C THR A 92 10.83 -11.31 -10.95
N SER A 93 11.34 -12.36 -10.29
N SER A 93 11.35 -12.35 -10.29
CA SER A 93 11.78 -13.56 -11.00
CA SER A 93 11.80 -13.58 -10.97
C SER A 93 10.79 -14.73 -10.83
C SER A 93 10.76 -14.71 -10.90
N SER A 94 9.60 -14.43 -10.31
CA SER A 94 8.55 -15.44 -10.11
C SER A 94 7.71 -15.64 -11.35
N VAL A 95 7.52 -16.90 -11.73
CA VAL A 95 6.66 -17.22 -12.87
C VAL A 95 5.21 -16.80 -12.60
N VAL A 96 4.76 -16.98 -11.37
CA VAL A 96 3.38 -16.63 -11.01
C VAL A 96 3.17 -15.14 -11.22
N ASN A 97 4.15 -14.34 -10.80
CA ASN A 97 4.07 -12.89 -10.93
C ASN A 97 4.02 -12.49 -12.40
N ALA A 98 4.94 -13.04 -13.20
CA ALA A 98 4.97 -12.76 -14.64
C ALA A 98 3.67 -13.06 -15.35
N LEU A 99 2.99 -14.12 -14.91
CA LEU A 99 1.76 -14.61 -15.55
C LEU A 99 0.50 -14.11 -14.86
N SER A 100 0.64 -13.13 -13.98
CA SER A 100 -0.49 -12.52 -13.30
C SER A 100 -0.67 -11.09 -13.80
N GLN A 101 -1.91 -10.72 -14.12
CA GLN A 101 -2.20 -9.33 -14.51
C GLN A 101 -1.90 -8.38 -13.35
N ASP A 102 -2.12 -8.86 -12.13
CA ASP A 102 -1.83 -8.12 -10.90
C ASP A 102 -1.38 -9.09 -9.82
N LEU A 103 -0.41 -8.67 -9.02
CA LEU A 103 0.02 -9.43 -7.85
C LEU A 103 0.40 -8.47 -6.75
N GLU A 104 0.06 -8.83 -5.53
CA GLU A 104 0.40 -8.02 -4.35
C GLU A 104 1.11 -8.90 -3.33
N VAL A 105 2.08 -8.32 -2.63
CA VAL A 105 2.69 -8.99 -1.49
C VAL A 105 2.53 -8.11 -0.26
N TYR A 106 2.24 -8.74 0.88
CA TYR A 106 2.39 -8.10 2.18
C TYR A 106 3.30 -8.99 3.02
N VAL A 107 4.43 -8.43 3.45
CA VAL A 107 5.35 -9.14 4.31
C VAL A 107 5.20 -8.61 5.74
N HIS A 108 5.01 -9.51 6.70
CA HIS A 108 5.01 -9.18 8.12
C HIS A 108 6.36 -9.62 8.70
N ARG A 109 7.17 -8.65 9.06
CA ARG A 109 8.54 -8.90 9.47
C ARG A 109 9.07 -7.67 10.20
N ASN A 110 9.92 -7.86 11.20
CA ASN A 110 10.51 -6.72 11.91
C ASN A 110 9.40 -5.83 12.52
N GLU A 111 8.32 -6.46 12.95
CA GLU A 111 7.13 -5.79 13.52
C GLU A 111 6.55 -4.72 12.58
N THR A 112 6.76 -4.93 11.30
CA THR A 112 6.37 -3.98 10.26
C THR A 112 5.65 -4.75 9.15
N ILE A 113 4.69 -4.09 8.50
CA ILE A 113 4.05 -4.63 7.30
C ILE A 113 4.60 -3.88 6.08
N TYR A 114 5.17 -4.64 5.15
CA TYR A 114 5.73 -4.09 3.92
C TYR A 114 4.87 -4.53 2.75
N HIS A 115 4.65 -3.63 1.80
CA HIS A 115 3.76 -3.91 0.68
C HIS A 115 4.38 -3.51 -0.66
N GLN A 116 4.22 -4.38 -1.65
CA GLN A 116 4.52 -4.04 -3.03
C GLN A 116 3.49 -4.65 -3.94
N ALA A 117 3.22 -4.00 -5.08
CA ALA A 117 2.31 -4.51 -6.08
C ALA A 117 3.01 -4.53 -7.44
N TYR A 118 2.55 -5.44 -8.29
CA TYR A 118 3.13 -5.68 -9.59
C TYR A 118 2.03 -5.89 -10.62
N LYS A 119 2.37 -5.68 -11.89
CA LYS A 119 1.50 -6.03 -13.00
C LYS A 119 2.37 -6.73 -14.03
N LYS A 120 1.99 -7.96 -14.37
CA LYS A 120 2.77 -8.78 -15.28
C LYS A 120 4.24 -8.85 -14.84
N GLY A 121 4.44 -8.83 -13.53
CA GLY A 121 5.76 -8.91 -12.92
C GLY A 121 6.49 -7.61 -12.68
N VAL A 122 6.00 -6.52 -13.27
CA VAL A 122 6.64 -5.20 -13.17
C VAL A 122 6.20 -4.50 -11.90
N PRO A 123 7.15 -4.15 -11.01
CA PRO A 123 6.74 -3.40 -9.81
C PRO A 123 6.07 -2.07 -10.16
N GLN A 124 4.99 -1.76 -9.44
CA GLN A 124 4.21 -0.56 -9.67
C GLN A 124 4.66 0.61 -8.77
N PHE A 125 5.39 0.27 -7.73
CA PHE A 125 6.00 1.23 -6.82
C PHE A 125 7.05 0.52 -5.98
N ASP A 126 7.92 1.28 -5.32
CA ASP A 126 8.94 0.69 -4.45
C ASP A 126 8.28 0.08 -3.22
N LEU A 127 8.86 -0.99 -2.69
CA LEU A 127 8.41 -1.59 -1.44
C LEU A 127 8.15 -0.50 -0.39
N LYS A 128 6.99 -0.58 0.25
CA LYS A 128 6.51 0.49 1.13
C LYS A 128 6.12 -0.10 2.48
N GLU A 129 6.54 0.55 3.58
CA GLU A 129 6.00 0.24 4.90
C GLU A 129 4.59 0.82 4.98
N VAL A 130 3.62 -0.02 5.34
CA VAL A 130 2.23 0.41 5.40
C VAL A 130 1.59 0.30 6.78
N GLY A 131 2.28 -0.37 7.71
CA GLY A 131 1.74 -0.55 9.05
C GLY A 131 2.66 -1.36 9.94
N THR A 132 2.14 -1.75 11.09
CA THR A 132 2.89 -2.53 12.07
C THR A 132 2.18 -3.85 12.37
N THR A 133 2.91 -4.76 13.01
CA THR A 133 2.40 -6.10 13.26
C THR A 133 3.17 -6.75 14.41
N ASP A 134 2.52 -7.72 15.05
CA ASP A 134 3.15 -8.56 16.06
C ASP A 134 3.25 -9.98 15.54
N LYS A 135 2.99 -10.17 14.25
CA LYS A 135 3.09 -11.49 13.62
C LYS A 135 4.19 -11.47 12.57
N THR A 136 4.58 -12.66 12.11
CA THR A 136 5.44 -12.77 10.95
C THR A 136 4.76 -13.64 9.91
N GLY A 137 5.07 -13.39 8.65
CA GLY A 137 4.61 -14.22 7.56
C GLY A 137 4.50 -13.48 6.27
N THR A 138 3.99 -14.19 5.26
CA THR A 138 3.89 -13.66 3.91
C THR A 138 2.47 -13.84 3.40
N VAL A 139 1.95 -12.77 2.79
CA VAL A 139 0.68 -12.79 2.10
C VAL A 139 0.96 -12.48 0.63
N ILE A 140 0.46 -13.32 -0.26
CA ILE A 140 0.51 -13.09 -1.69
C ILE A 140 -0.93 -13.11 -2.24
N ARG A 141 -1.29 -12.08 -2.98
CA ARG A 141 -2.58 -12.04 -3.68
C ARG A 141 -2.30 -11.87 -5.16
N PHE A 142 -2.88 -12.72 -5.99
CA PHE A 142 -2.69 -12.60 -7.44
C PHE A 142 -3.94 -12.88 -8.25
N LYS A 143 -4.01 -12.20 -9.40
CA LYS A 143 -5.04 -12.40 -10.39
C LYS A 143 -4.36 -12.87 -11.68
N ALA A 144 -4.64 -14.11 -12.05
CA ALA A 144 -4.04 -14.71 -13.25
C ALA A 144 -4.35 -13.87 -14.49
N ASP A 145 -3.38 -13.78 -15.38
CA ASP A 145 -3.52 -12.96 -16.58
C ASP A 145 -4.34 -13.68 -17.64
N GLY A 146 -5.51 -13.13 -17.98
CA GLY A 146 -6.34 -13.68 -19.04
C GLY A 146 -5.73 -13.66 -20.43
N GLU A 147 -4.68 -12.84 -20.63
CA GLU A 147 -3.93 -12.85 -21.90
C GLU A 147 -3.10 -14.12 -22.04
N ILE A 148 -2.75 -14.74 -20.91
CA ILE A 148 -1.97 -15.97 -20.88
C ILE A 148 -2.90 -17.18 -20.77
N PHE A 149 -3.82 -17.13 -19.81
CA PHE A 149 -4.75 -18.23 -19.56
C PHE A 149 -6.03 -18.01 -20.35
N THR A 150 -5.98 -18.45 -21.61
CA THR A 150 -7.01 -18.16 -22.61
C THR A 150 -8.02 -19.30 -22.83
N GLU A 151 -8.14 -20.21 -21.87
N GLU A 151 -8.19 -20.19 -21.86
CA GLU A 151 -9.30 -21.12 -21.79
CA GLU A 151 -9.38 -21.03 -21.85
C GLU A 151 -10.21 -20.60 -20.69
C GLU A 151 -10.27 -20.64 -20.66
N THR A 152 -9.66 -20.50 -19.49
CA THR A 152 -10.41 -20.06 -18.32
C THR A 152 -9.48 -19.51 -17.25
N THR A 153 -10.00 -18.56 -16.47
CA THR A 153 -9.33 -18.01 -15.29
C THR A 153 -10.14 -18.26 -14.02
N VAL A 154 -11.12 -19.17 -14.11
CA VAL A 154 -11.99 -19.51 -12.98
C VAL A 154 -11.48 -20.77 -12.28
N TYR A 155 -11.23 -20.68 -10.99
CA TYR A 155 -10.72 -21.82 -10.23
C TYR A 155 -11.83 -22.82 -9.89
N ASN A 156 -11.44 -24.08 -9.77
CA ASN A 156 -12.33 -25.17 -9.40
C ASN A 156 -12.03 -25.51 -7.93
N TYR A 157 -13.02 -25.32 -7.07
CA TYR A 157 -12.84 -25.56 -5.63
C TYR A 157 -12.40 -26.99 -5.31
N GLU A 158 -13.02 -27.95 -5.98
N GLU A 158 -13.03 -27.96 -5.97
CA GLU A 158 -12.71 -29.37 -5.73
CA GLU A 158 -12.70 -29.38 -5.74
C GLU A 158 -11.27 -29.71 -6.16
C GLU A 158 -11.28 -29.72 -6.16
N THR A 159 -10.81 -29.11 -7.25
CA THR A 159 -9.42 -29.29 -7.69
C THR A 159 -8.43 -28.76 -6.66
N LEU A 160 -8.70 -27.56 -6.14
CA LEU A 160 -7.83 -27.00 -5.09
C LEU A 160 -7.93 -27.82 -3.80
N GLN A 161 -9.17 -28.21 -3.46
CA GLN A 161 -9.43 -28.95 -2.23
C GLN A 161 -8.67 -30.28 -2.20
N GLN A 162 -8.75 -31.03 -3.30
CA GLN A 162 -8.13 -32.36 -3.40
C GLN A 162 -6.62 -32.27 -3.15
N ARG A 163 -5.97 -31.32 -3.79
CA ARG A 163 -4.53 -31.19 -3.63
C ARG A 163 -4.14 -30.59 -2.28
N ILE A 164 -4.94 -29.65 -1.77
CA ILE A 164 -4.66 -29.10 -0.45
C ILE A 164 -4.75 -30.17 0.65
N ARG A 165 -5.77 -31.02 0.56
CA ARG A 165 -5.90 -32.14 1.50
C ARG A 165 -4.68 -33.06 1.40
N GLU A 166 -4.27 -33.36 0.18
N GLU A 166 -4.29 -33.37 0.17
CA GLU A 166 -3.11 -34.21 -0.02
CA GLU A 166 -3.10 -34.20 -0.08
C GLU A 166 -1.85 -33.57 0.55
C GLU A 166 -1.85 -33.58 0.53
N LEU A 167 -1.67 -32.28 0.31
CA LEU A 167 -0.51 -31.55 0.86
C LEU A 167 -0.44 -31.61 2.38
N ALA A 168 -1.59 -31.49 3.03
CA ALA A 168 -1.63 -31.58 4.49
C ALA A 168 -1.31 -32.99 4.99
N PHE A 169 -1.81 -34.00 4.27
CA PHE A 169 -1.54 -35.39 4.59
C PHE A 169 -0.06 -35.74 4.40
N LEU A 170 0.55 -35.19 3.36
CA LEU A 170 1.96 -35.47 3.06
C LEU A 170 2.91 -34.70 4.00
N ASN A 171 2.50 -33.51 4.41
CA ASN A 171 3.33 -32.65 5.24
C ASN A 171 2.65 -32.49 6.59
N LYS A 172 2.78 -33.52 7.43
N LYS A 172 2.75 -33.51 7.43
CA LYS A 172 2.07 -33.55 8.71
CA LYS A 172 1.97 -33.55 8.66
C LYS A 172 2.44 -32.37 9.59
C LYS A 172 2.43 -32.48 9.66
N GLY A 173 1.46 -31.91 10.38
CA GLY A 173 1.69 -30.82 11.30
C GLY A 173 1.37 -29.46 10.72
N ILE A 174 1.23 -29.36 9.41
CA ILE A 174 0.89 -28.08 8.81
C ILE A 174 -0.63 -27.97 8.69
N GLN A 175 -1.19 -26.91 9.26
CA GLN A 175 -2.61 -26.63 9.09
C GLN A 175 -2.79 -25.90 7.77
N ILE A 176 -3.54 -26.50 6.85
CA ILE A 176 -3.78 -25.89 5.55
C ILE A 176 -5.26 -25.70 5.34
N THR A 177 -5.67 -24.45 5.12
CA THR A 177 -7.09 -24.09 5.03
C THR A 177 -7.38 -23.57 3.63
N LEU A 178 -8.51 -23.99 3.07
CA LEU A 178 -8.99 -23.52 1.78
C LEU A 178 -10.33 -22.84 2.03
N ARG A 179 -10.52 -21.65 1.49
CA ARG A 179 -11.80 -20.96 1.64
C ARG A 179 -12.21 -20.34 0.31
N ASP A 180 -13.49 -20.49 -0.03
CA ASP A 180 -14.06 -19.87 -1.23
C ASP A 180 -14.94 -18.70 -0.84
N GLU A 181 -14.45 -17.49 -1.08
CA GLU A 181 -15.17 -16.24 -0.78
C GLU A 181 -15.74 -15.56 -2.03
N ARG A 182 -15.77 -16.25 -3.16
CA ARG A 182 -16.27 -15.64 -4.40
C ARG A 182 -17.74 -15.19 -4.31
N ASP A 183 -18.53 -15.94 -3.55
CA ASP A 183 -19.93 -15.58 -3.25
C ASP A 183 -20.02 -15.30 -1.76
N GLU A 184 -20.08 -14.02 -1.41
CA GLU A 184 -20.06 -13.59 -0.01
C GLU A 184 -21.23 -14.14 0.81
N GLU A 185 -22.33 -14.47 0.12
CA GLU A 185 -23.52 -15.01 0.76
C GLU A 185 -23.41 -16.48 1.13
N ASN A 186 -22.43 -17.17 0.56
CA ASN A 186 -22.33 -18.62 0.69
C ASN A 186 -20.85 -19.02 0.61
N VAL A 187 -20.20 -19.04 1.78
CA VAL A 187 -18.76 -19.23 1.87
C VAL A 187 -18.44 -20.64 2.38
N ARG A 188 -17.58 -21.33 1.65
CA ARG A 188 -17.17 -22.71 1.94
C ARG A 188 -15.73 -22.69 2.46
N GLU A 189 -15.46 -23.48 3.50
CA GLU A 189 -14.10 -23.62 4.03
C GLU A 189 -13.81 -25.08 4.41
N ASP A 190 -12.64 -25.55 4.04
CA ASP A 190 -12.16 -26.86 4.46
C ASP A 190 -10.80 -26.63 5.09
N SER A 191 -10.58 -27.18 6.28
CA SER A 191 -9.31 -27.02 6.96
C SER A 191 -8.69 -28.35 7.35
N TYR A 192 -7.43 -28.54 6.97
CA TYR A 192 -6.77 -29.82 7.12
C TYR A 192 -5.55 -29.71 8.02
N HIS A 193 -5.40 -30.70 8.89
CA HIS A 193 -4.34 -30.67 9.89
C HIS A 193 -4.11 -32.09 10.38
N TYR A 194 -3.12 -32.75 9.80
CA TYR A 194 -2.79 -34.15 10.12
C TYR A 194 -1.70 -34.25 11.19
N GLU A 195 -1.86 -35.21 12.10
CA GLU A 195 -0.88 -35.44 13.17
C GLU A 195 -0.19 -36.80 13.07
N GLN B 8 13.94 26.85 -11.29
CA GLN B 8 13.82 25.37 -11.38
C GLN B 8 12.66 24.85 -10.50
N VAL B 9 12.56 25.37 -9.29
CA VAL B 9 11.45 25.00 -8.39
C VAL B 9 10.09 25.25 -9.05
N LEU B 10 9.93 26.44 -9.63
CA LEU B 10 8.68 26.82 -10.29
C LEU B 10 8.34 25.91 -11.47
N GLU B 11 9.37 25.47 -12.19
CA GLU B 11 9.19 24.57 -13.33
C GLU B 11 8.72 23.19 -12.87
N GLY B 12 9.23 22.75 -11.71
CA GLY B 12 8.80 21.48 -11.11
C GLY B 12 7.31 21.46 -10.79
N LEU B 13 6.82 22.58 -10.24
CA LEU B 13 5.41 22.73 -9.91
C LEU B 13 4.54 22.79 -11.16
N GLU B 14 5.02 23.49 -12.18
CA GLU B 14 4.33 23.60 -13.46
C GLU B 14 4.16 22.24 -14.14
N ALA B 15 5.21 21.42 -14.06
CA ALA B 15 5.18 20.09 -14.65
C ALA B 15 4.19 19.14 -13.95
N VAL B 16 4.15 19.18 -12.62
CA VAL B 16 3.20 18.37 -11.86
C VAL B 16 1.76 18.77 -12.24
N ARG B 17 1.54 20.08 -12.36
CA ARG B 17 0.20 20.60 -12.68
C ARG B 17 -0.24 20.29 -14.11
N LYS B 18 0.71 20.01 -15.00
CA LYS B 18 0.41 19.58 -16.37
C LYS B 18 0.01 18.11 -16.44
N ARG B 19 0.54 17.29 -15.53
CA ARG B 19 0.31 15.84 -15.57
C ARG B 19 -0.08 15.29 -14.20
N PRO B 20 -1.16 15.83 -13.61
CA PRO B 20 -1.54 15.40 -12.26
C PRO B 20 -1.81 13.90 -12.17
N GLY B 21 -2.41 13.33 -13.21
CA GLY B 21 -2.76 11.90 -13.22
C GLY B 21 -1.58 10.97 -13.03
N MET B 22 -0.40 11.43 -13.41
CA MET B 22 0.82 10.66 -13.25
C MET B 22 1.20 10.47 -11.77
N TYR B 23 0.80 11.42 -10.93
CA TYR B 23 1.16 11.42 -9.51
C TYR B 23 0.01 10.98 -8.59
N ILE B 24 -1.23 11.31 -8.95
CA ILE B 24 -2.39 10.98 -8.11
C ILE B 24 -3.44 10.11 -8.81
N GLY B 25 -3.11 9.59 -9.99
CA GLY B 25 -3.98 8.67 -10.71
C GLY B 25 -4.94 9.34 -11.68
N SER B 26 -5.63 10.38 -11.21
CA SER B 26 -6.58 11.11 -12.04
C SER B 26 -6.94 12.44 -11.39
N THR B 27 -7.75 13.24 -12.09
CA THR B 27 -8.26 14.49 -11.55
C THR B 27 -9.75 14.39 -11.21
N SER B 28 -10.26 13.16 -11.19
CA SER B 28 -11.64 12.88 -10.81
C SER B 28 -11.79 12.95 -9.30
N GLU B 29 -12.96 12.55 -8.78
CA GLU B 29 -13.18 12.46 -7.33
C GLU B 29 -12.12 11.57 -6.64
N ARG B 30 -11.73 10.49 -7.32
CA ARG B 30 -10.70 9.58 -6.83
C ARG B 30 -9.40 10.32 -6.56
N GLY B 31 -8.99 11.14 -7.53
CA GLY B 31 -7.78 11.95 -7.44
C GLY B 31 -7.85 12.95 -6.30
N LEU B 32 -9.02 13.60 -6.17
CA LEU B 32 -9.23 14.57 -5.10
C LEU B 32 -8.96 13.93 -3.74
N HIS B 33 -9.53 12.76 -3.49
CA HIS B 33 -9.33 12.07 -2.22
C HIS B 33 -7.89 11.59 -2.05
N HIS B 34 -7.23 11.25 -3.15
CA HIS B 34 -5.82 10.86 -3.11
C HIS B 34 -4.92 11.96 -2.55
N LEU B 35 -5.29 13.23 -2.72
CA LEU B 35 -4.56 14.34 -2.08
C LEU B 35 -4.47 14.14 -0.56
N VAL B 36 -5.60 13.74 0.04
CA VAL B 36 -5.64 13.47 1.48
C VAL B 36 -4.70 12.32 1.82
N TRP B 37 -4.72 11.26 1.03
CA TRP B 37 -3.88 10.09 1.33
C TRP B 37 -2.41 10.41 1.21
N GLU B 38 -2.04 11.30 0.31
CA GLU B 38 -0.64 11.68 0.18
C GLU B 38 -0.14 12.40 1.42
N ILE B 39 -0.95 13.32 1.95
CA ILE B 39 -0.57 14.04 3.15
C ILE B 39 -0.59 13.11 4.36
N VAL B 40 -1.65 12.32 4.48
CA VAL B 40 -1.78 11.40 5.62
C VAL B 40 -0.64 10.38 5.65
N ASP B 41 -0.23 9.91 4.47
N ASP B 41 -0.23 9.90 4.47
CA ASP B 41 0.91 9.00 4.35
CA ASP B 41 0.90 8.98 4.36
C ASP B 41 2.17 9.50 5.05
C ASP B 41 2.17 9.50 5.03
N ASN B 42 2.39 10.81 4.97
CA ASN B 42 3.54 11.42 5.65
C ASN B 42 3.44 11.26 7.18
N SER B 43 2.23 11.48 7.71
CA SER B 43 1.98 11.29 9.14
C SER B 43 2.11 9.82 9.56
N ILE B 44 1.61 8.91 8.72
CA ILE B 44 1.76 7.48 8.97
C ILE B 44 3.25 7.08 8.98
N ASP B 45 4.04 7.62 8.05
CA ASP B 45 5.51 7.38 8.05
C ASP B 45 6.16 7.85 9.35
N GLU B 46 5.71 9.01 9.86
CA GLU B 46 6.23 9.54 11.10
C GLU B 46 5.78 8.71 12.32
N ALA B 47 4.61 8.08 12.25
CA ALA B 47 4.21 7.08 13.24
C ALA B 47 5.08 5.83 13.14
N LEU B 48 5.30 5.35 11.92
CA LEU B 48 6.15 4.17 11.70
C LEU B 48 7.59 4.41 12.17
N ALA B 49 8.05 5.66 12.05
CA ALA B 49 9.36 6.06 12.56
C ALA B 49 9.44 6.10 14.08
N GLY B 50 8.28 6.06 14.74
CA GLY B 50 8.18 5.96 16.19
C GLY B 50 7.96 7.27 16.94
N TYR B 51 7.59 8.33 16.21
CA TYR B 51 7.47 9.67 16.78
C TYR B 51 6.05 10.20 16.91
N ALA B 52 5.18 9.90 15.94
CA ALA B 52 3.79 10.32 16.00
C ALA B 52 2.90 9.19 16.52
N ASN B 53 1.90 9.53 17.32
CA ASN B 53 0.89 8.53 17.73
C ASN B 53 -0.54 9.04 17.67
N GLN B 54 -0.71 10.26 17.18
CA GLN B 54 -2.03 10.87 17.01
C GLN B 54 -2.05 11.61 15.69
N ILE B 55 -3.05 11.30 14.87
CA ILE B 55 -3.24 11.93 13.56
C ILE B 55 -4.70 12.39 13.49
N GLU B 56 -4.91 13.60 13.02
CA GLU B 56 -6.28 14.13 12.89
C GLU B 56 -6.48 14.67 11.48
N VAL B 57 -7.58 14.26 10.85
CA VAL B 57 -7.97 14.73 9.54
C VAL B 57 -9.29 15.45 9.67
N VAL B 58 -9.34 16.72 9.27
CA VAL B 58 -10.57 17.51 9.34
C VAL B 58 -10.98 18.00 7.97
N ILE B 59 -12.26 17.80 7.62
CA ILE B 59 -12.82 18.41 6.45
C ILE B 59 -13.39 19.73 6.93
N GLU B 60 -12.76 20.82 6.49
CA GLU B 60 -13.13 22.13 6.97
C GLU B 60 -14.02 22.84 5.97
N LYS B 61 -14.56 23.98 6.40
CA LYS B 61 -15.42 24.77 5.54
C LYS B 61 -14.75 25.02 4.18
N ASP B 62 -15.58 25.00 3.14
N ASP B 62 -15.56 25.04 3.13
CA ASP B 62 -15.15 25.18 1.76
CA ASP B 62 -15.12 25.20 1.75
C ASP B 62 -14.25 24.05 1.26
C ASP B 62 -14.26 24.05 1.24
N ASN B 63 -14.34 22.88 1.88
CA ASN B 63 -13.54 21.71 1.50
C ASN B 63 -12.03 21.95 1.50
N TRP B 64 -11.58 22.72 2.47
CA TRP B 64 -10.20 22.62 2.91
C TRP B 64 -10.07 21.31 3.68
N ILE B 65 -8.86 20.76 3.67
CA ILE B 65 -8.53 19.60 4.46
C ILE B 65 -7.41 20.01 5.41
N LYS B 66 -7.53 19.64 6.68
CA LYS B 66 -6.46 19.86 7.66
C LYS B 66 -5.99 18.51 8.20
N VAL B 67 -4.68 18.28 8.13
CA VAL B 67 -4.07 17.07 8.70
C VAL B 67 -3.06 17.53 9.76
N THR B 68 -3.20 16.96 10.95
CA THR B 68 -2.32 17.26 12.08
C THR B 68 -1.75 15.97 12.65
N ASP B 69 -0.45 15.95 12.89
CA ASP B 69 0.16 14.87 13.68
C ASP B 69 1.00 15.43 14.81
N ASN B 70 1.35 14.58 15.75
CA ASN B 70 2.19 14.98 16.88
C ASN B 70 3.57 14.36 16.79
N GLY B 71 4.07 14.25 15.56
CA GLY B 71 5.44 13.83 15.31
C GLY B 71 6.46 14.91 15.58
N ARG B 72 7.64 14.78 14.96
CA ARG B 72 8.73 15.70 15.24
C ARG B 72 8.55 17.09 14.66
N GLY B 73 7.70 17.20 13.64
CA GLY B 73 7.55 18.44 12.88
C GLY B 73 8.52 18.43 11.71
N ILE B 74 8.07 18.92 10.55
CA ILE B 74 8.95 19.01 9.39
C ILE B 74 10.12 19.93 9.74
N PRO B 75 11.37 19.52 9.45
CA PRO B 75 12.49 20.40 9.82
C PRO B 75 12.43 21.77 9.16
N VAL B 76 12.97 22.76 9.85
CA VAL B 76 12.95 24.15 9.40
C VAL B 76 14.35 24.73 9.22
N ASP B 77 15.38 23.91 9.42
CA ASP B 77 16.76 24.37 9.31
C ASP B 77 17.08 24.84 7.88
N ILE B 78 17.91 25.88 7.79
CA ILE B 78 18.26 26.50 6.50
C ILE B 78 19.24 25.63 5.73
N GLN B 79 18.87 25.31 4.49
CA GLN B 79 19.63 24.41 3.63
C GLN B 79 20.69 25.17 2.84
N GLY B 83 19.67 27.91 0.27
CA GLY B 83 19.48 28.86 1.37
C GLY B 83 18.03 28.98 1.82
N ARG B 84 17.27 27.91 1.68
CA ARG B 84 15.85 27.91 2.07
C ARG B 84 15.61 26.94 3.24
N PRO B 85 14.61 27.23 4.08
CA PRO B 85 14.28 26.25 5.14
C PRO B 85 13.87 24.88 4.58
N ALA B 86 14.24 23.81 5.28
CA ALA B 86 13.93 22.45 4.84
C ALA B 86 12.44 22.29 4.51
N VAL B 87 11.57 22.80 5.38
CA VAL B 87 10.13 22.66 5.13
C VAL B 87 9.71 23.28 3.80
N GLU B 88 10.32 24.42 3.44
CA GLU B 88 10.01 25.04 2.15
C GLU B 88 10.48 24.19 0.97
N VAL B 89 11.70 23.68 1.06
CA VAL B 89 12.24 22.80 0.03
C VAL B 89 11.33 21.59 -0.17
N ILE B 90 10.92 20.98 0.94
CA ILE B 90 10.06 19.80 0.94
C ILE B 90 8.69 20.11 0.35
N LEU B 91 8.05 21.17 0.82
CA LEU B 91 6.69 21.48 0.37
C LEU B 91 6.63 22.06 -1.05
N THR B 92 7.68 22.76 -1.51
CA THR B 92 7.69 23.21 -2.90
C THR B 92 8.00 22.07 -3.91
N SER B 93 8.24 20.86 -3.43
N SER B 93 8.22 20.86 -3.42
CA SER B 93 8.30 19.67 -4.29
CA SER B 93 8.31 19.66 -4.26
C SER B 93 7.19 18.67 -3.94
C SER B 93 7.10 18.74 -4.09
N SER B 94 6.16 19.15 -3.24
CA SER B 94 4.99 18.34 -2.89
C SER B 94 3.95 18.40 -4.00
N VAL B 95 3.48 17.23 -4.43
CA VAL B 95 2.44 17.16 -5.44
C VAL B 95 1.13 17.77 -4.92
N VAL B 96 0.78 17.52 -3.66
CA VAL B 96 -0.44 18.10 -3.10
C VAL B 96 -0.38 19.64 -3.12
N ASN B 97 0.78 20.20 -2.76
CA ASN B 97 0.96 21.64 -2.78
C ASN B 97 0.78 22.20 -4.20
N ALA B 98 1.43 21.56 -5.18
CA ALA B 98 1.33 22.00 -6.56
C ALA B 98 -0.12 22.01 -7.05
N LEU B 99 -0.89 21.01 -6.61
CA LEU B 99 -2.27 20.82 -7.06
C LEU B 99 -3.31 21.48 -6.14
N SER B 100 -2.84 22.29 -5.19
CA SER B 100 -3.71 23.04 -4.30
C SER B 100 -3.67 24.53 -4.63
N GLN B 101 -4.84 25.16 -4.72
CA GLN B 101 -4.87 26.60 -4.96
C GLN B 101 -4.31 27.39 -3.77
N ASP B 102 -4.46 26.84 -2.57
CA ASP B 102 -3.86 27.37 -1.34
C ASP B 102 -3.43 26.22 -0.43
N LEU B 103 -2.27 26.37 0.20
CA LEU B 103 -1.82 25.43 1.23
C LEU B 103 -1.09 26.19 2.32
N GLU B 104 -1.30 25.78 3.57
CA GLU B 104 -0.66 26.39 4.72
C GLU B 104 0.02 25.31 5.53
N VAL B 105 1.17 25.63 6.13
CA VAL B 105 1.79 24.71 7.07
C VAL B 105 2.06 25.43 8.38
N TYR B 106 1.88 24.71 9.48
CA TYR B 106 2.32 25.16 10.79
C TYR B 106 3.15 24.02 11.37
N VAL B 107 4.43 24.29 11.62
CA VAL B 107 5.31 23.30 12.23
C VAL B 107 5.55 23.67 13.68
N HIS B 108 5.33 22.73 14.58
CA HIS B 108 5.68 22.88 16.00
C HIS B 108 6.97 22.15 16.25
N ARG B 109 8.02 22.92 16.53
CA ARG B 109 9.37 22.38 16.69
C ARG B 109 10.18 23.40 17.45
N ASN B 110 11.16 22.96 18.24
CA ASN B 110 12.03 23.90 18.96
C ASN B 110 11.23 24.92 19.80
N GLU B 111 10.14 24.45 20.43
CA GLU B 111 9.25 25.29 21.24
C GLU B 111 8.63 26.48 20.48
N THR B 112 8.58 26.36 19.16
CA THR B 112 8.20 27.47 18.29
C THR B 112 7.19 26.97 17.26
N ILE B 113 6.30 27.86 16.83
CA ILE B 113 5.37 27.58 15.75
C ILE B 113 5.84 28.33 14.51
N TYR B 114 6.14 27.62 13.45
CA TYR B 114 6.60 28.20 12.19
C TYR B 114 5.51 28.06 11.14
N HIS B 115 5.30 29.11 10.35
CA HIS B 115 4.20 29.14 9.39
C HIS B 115 4.66 29.61 8.02
N GLN B 116 4.19 28.92 6.97
CA GLN B 116 4.35 29.38 5.60
C GLN B 116 3.07 29.05 4.85
N ALA B 117 2.75 29.85 3.84
CA ALA B 117 1.63 29.61 2.97
C ALA B 117 2.06 29.63 1.52
N TYR B 118 1.32 28.90 0.69
CA TYR B 118 1.63 28.73 -0.72
C TYR B 118 0.38 28.86 -1.56
N LYS B 119 0.57 29.15 -2.85
CA LYS B 119 -0.51 29.13 -3.84
C LYS B 119 -0.01 28.40 -5.06
N LYS B 120 -0.68 27.32 -5.44
CA LYS B 120 -0.22 26.43 -6.52
C LYS B 120 1.24 26.02 -6.29
N GLY B 121 1.61 25.86 -5.02
CA GLY B 121 2.94 25.44 -4.64
C GLY B 121 3.95 26.56 -4.43
N VAL B 122 3.61 27.77 -4.87
CA VAL B 122 4.52 28.91 -4.80
C VAL B 122 4.43 29.57 -3.41
N PRO B 123 5.57 29.68 -2.69
CA PRO B 123 5.52 30.34 -1.39
C PRO B 123 5.05 31.80 -1.50
N GLN B 124 4.17 32.21 -0.59
CA GLN B 124 3.63 33.56 -0.59
C GLN B 124 4.42 34.50 0.32
N PHE B 125 5.18 33.93 1.24
CA PHE B 125 6.07 34.67 2.10
C PHE B 125 7.08 33.71 2.71
N ASP B 126 8.13 34.25 3.33
CA ASP B 126 9.15 33.41 3.94
C ASP B 126 8.60 32.78 5.21
N LEU B 127 9.06 31.56 5.50
CA LEU B 127 8.72 30.87 6.74
C LEU B 127 8.95 31.82 7.92
N LYS B 128 7.98 31.90 8.83
CA LYS B 128 8.09 32.83 9.95
C LYS B 128 7.59 32.24 11.26
N GLU B 129 8.13 32.74 12.36
CA GLU B 129 7.68 32.31 13.67
C GLU B 129 6.41 33.05 14.01
N VAL B 130 5.38 32.31 14.38
CA VAL B 130 4.07 32.90 14.70
C VAL B 130 3.55 32.51 16.08
N GLY B 131 4.42 31.96 16.91
CA GLY B 131 4.03 31.59 18.27
C GLY B 131 4.99 30.67 18.98
N THR B 132 4.65 30.33 20.22
N THR B 132 4.61 30.31 20.19
CA THR B 132 5.43 29.39 21.02
CA THR B 132 5.39 29.43 21.06
C THR B 132 4.54 28.20 21.32
C THR B 132 4.54 28.19 21.29
N THR B 133 5.18 27.06 21.55
CA THR B 133 4.47 25.81 21.76
C THR B 133 5.27 24.92 22.69
N ASP B 134 4.56 24.01 23.37
CA ASP B 134 5.18 22.98 24.20
C ASP B 134 4.98 21.60 23.56
N LYS B 135 4.46 21.60 22.33
CA LYS B 135 4.18 20.37 21.60
C LYS B 135 5.08 20.29 20.39
N THR B 136 5.11 19.12 19.74
CA THR B 136 5.78 18.97 18.46
C THR B 136 4.81 18.38 17.45
N GLY B 137 5.05 18.67 16.18
CA GLY B 137 4.30 18.04 15.10
C GLY B 137 4.07 18.97 13.93
N THR B 138 3.22 18.53 13.01
CA THR B 138 3.00 19.22 11.76
C THR B 138 1.50 19.39 11.53
N VAL B 139 1.12 20.59 11.13
CA VAL B 139 -0.25 20.89 10.67
C VAL B 139 -0.18 21.32 9.22
N ILE B 140 -0.95 20.66 8.37
CA ILE B 140 -1.06 21.02 6.95
C ILE B 140 -2.52 21.31 6.66
N ARG B 141 -2.81 22.45 6.04
CA ARG B 141 -4.16 22.79 5.56
C ARG B 141 -4.08 23.05 4.07
N PHE B 142 -4.95 22.45 3.28
CA PHE B 142 -4.93 22.69 1.84
C PHE B 142 -6.31 22.70 1.20
N LYS B 143 -6.44 23.52 0.16
CA LYS B 143 -7.64 23.58 -0.65
C LYS B 143 -7.29 23.18 -2.07
N ALA B 144 -7.81 22.03 -2.50
CA ALA B 144 -7.61 21.53 -3.85
C ALA B 144 -7.92 22.59 -4.91
N ASP B 145 -7.12 22.61 -5.97
CA ASP B 145 -7.30 23.58 -7.02
C ASP B 145 -8.49 23.20 -7.90
N GLY B 146 -9.53 24.03 -7.88
CA GLY B 146 -10.73 23.78 -8.67
C GLY B 146 -10.52 23.84 -10.17
N GLU B 147 -9.44 24.48 -10.59
CA GLU B 147 -9.06 24.50 -12.01
C GLU B 147 -8.52 23.15 -12.47
N ILE B 148 -7.97 22.37 -11.53
CA ILE B 148 -7.46 21.03 -11.80
C ILE B 148 -8.55 19.98 -11.59
N PHE B 149 -9.22 20.07 -10.45
CA PHE B 149 -10.26 19.12 -10.06
C PHE B 149 -11.62 19.69 -10.44
N THR B 150 -11.92 19.59 -11.72
CA THR B 150 -13.06 20.27 -12.31
C THR B 150 -14.37 19.50 -12.10
N GLU B 151 -14.28 18.17 -11.97
CA GLU B 151 -15.48 17.33 -11.74
C GLU B 151 -16.08 17.59 -10.36
N THR B 152 -15.23 17.56 -9.34
CA THR B 152 -15.68 17.88 -8.00
C THR B 152 -14.50 18.24 -7.11
N THR B 153 -14.76 19.17 -6.18
CA THR B 153 -13.84 19.48 -5.09
C THR B 153 -14.50 19.22 -3.73
N VAL B 154 -15.60 18.47 -3.73
CA VAL B 154 -16.33 18.13 -2.51
C VAL B 154 -15.90 16.74 -2.05
N TYR B 155 -15.42 16.64 -0.82
CA TYR B 155 -15.01 15.36 -0.25
C TYR B 155 -16.19 14.55 0.24
N ASN B 156 -16.04 13.23 0.20
CA ASN B 156 -17.06 12.33 0.69
C ASN B 156 -16.59 11.73 2.01
N TYR B 157 -17.35 11.97 3.07
CA TYR B 157 -16.98 11.54 4.41
C TYR B 157 -16.75 10.03 4.50
N GLU B 158 -17.66 9.24 3.94
CA GLU B 158 -17.55 7.78 4.04
C GLU B 158 -16.33 7.24 3.34
N THR B 159 -15.96 7.85 2.22
CA THR B 159 -14.73 7.46 1.53
C THR B 159 -13.52 7.67 2.43
N LEU B 160 -13.43 8.85 3.04
CA LEU B 160 -12.33 9.15 3.96
C LEU B 160 -12.38 8.25 5.20
N GLN B 161 -13.58 8.05 5.75
CA GLN B 161 -13.79 7.25 6.94
C GLN B 161 -13.33 5.80 6.75
N GLN B 162 -13.70 5.21 5.62
CA GLN B 162 -13.36 3.81 5.36
C GLN B 162 -11.84 3.64 5.35
N ARG B 163 -11.13 4.55 4.70
CA ARG B 163 -9.70 4.39 4.57
C ARG B 163 -9.01 4.70 5.89
N ILE B 164 -9.50 5.69 6.62
CA ILE B 164 -8.91 6.04 7.92
C ILE B 164 -9.04 4.87 8.90
N ARG B 165 -10.16 4.16 8.85
CA ARG B 165 -10.34 2.97 9.69
C ARG B 165 -9.32 1.90 9.32
N GLU B 166 -9.14 1.66 8.03
CA GLU B 166 -8.16 0.69 7.54
C GLU B 166 -6.76 1.07 7.97
N LEU B 167 -6.44 2.37 7.86
CA LEU B 167 -5.11 2.84 8.26
C LEU B 167 -4.87 2.63 9.75
N ALA B 168 -5.89 2.91 10.56
CA ALA B 168 -5.78 2.72 12.02
C ALA B 168 -5.61 1.24 12.37
N PHE B 169 -6.29 0.36 11.64
CA PHE B 169 -6.17 -1.08 11.89
C PHE B 169 -4.80 -1.63 11.47
N LEU B 170 -4.23 -1.05 10.41
CA LEU B 170 -2.86 -1.39 10.00
C LEU B 170 -1.82 -0.84 10.97
N ASN B 171 -2.15 0.23 11.68
CA ASN B 171 -1.21 0.91 12.56
C ASN B 171 -1.79 0.98 13.96
N LYS B 172 -1.90 -0.19 14.59
CA LYS B 172 -2.54 -0.30 15.89
C LYS B 172 -1.76 0.54 16.91
N GLY B 173 -2.49 1.16 17.83
CA GLY B 173 -1.89 2.06 18.80
C GLY B 173 -1.80 3.50 18.33
N ILE B 174 -1.98 3.76 17.03
CA ILE B 174 -2.00 5.11 16.52
C ILE B 174 -3.46 5.54 16.50
N GLN B 175 -3.75 6.66 17.15
CA GLN B 175 -5.10 7.20 17.16
C GLN B 175 -5.30 8.07 15.91
N ILE B 176 -6.30 7.73 15.09
CA ILE B 176 -6.58 8.48 13.88
C ILE B 176 -8.04 8.95 13.92
N THR B 177 -8.22 10.26 13.85
CA THR B 177 -9.52 10.91 14.00
C THR B 177 -9.91 11.60 12.69
N LEU B 178 -11.17 11.45 12.30
CA LEU B 178 -11.73 12.14 11.14
C LEU B 178 -12.87 12.99 11.64
N ARG B 179 -12.92 14.25 11.20
CA ARG B 179 -13.99 15.16 11.61
C ARG B 179 -14.47 15.97 10.41
N ASP B 180 -15.79 16.12 10.30
CA ASP B 180 -16.40 16.96 9.28
C ASP B 180 -16.93 18.23 9.92
N GLU B 181 -16.32 19.37 9.60
CA GLU B 181 -16.74 20.68 10.11
C GLU B 181 -17.42 21.56 9.05
N ARG B 182 -17.73 20.97 7.89
CA ARG B 182 -18.34 21.75 6.81
C ARG B 182 -19.75 22.23 7.14
N ASP B 183 -20.50 21.44 7.91
CA ASP B 183 -21.80 21.85 8.44
C ASP B 183 -21.59 22.24 9.90
N GLU B 184 -21.42 23.53 10.16
CA GLU B 184 -21.00 24.00 11.48
C GLU B 184 -22.00 23.72 12.61
N GLU B 185 -23.27 23.62 12.25
CA GLU B 185 -24.33 23.30 13.23
C GLU B 185 -24.46 21.80 13.49
N ASN B 186 -23.80 20.98 12.67
CA ASN B 186 -23.92 19.53 12.75
C ASN B 186 -22.57 18.90 12.43
N VAL B 187 -21.72 18.78 13.45
CA VAL B 187 -20.34 18.31 13.29
C VAL B 187 -20.27 16.83 13.64
N ARG B 188 -19.58 16.06 12.80
CA ARG B 188 -19.49 14.60 12.93
C ARG B 188 -18.03 14.21 13.11
N GLU B 189 -17.75 13.29 14.03
CA GLU B 189 -16.38 12.79 14.25
C GLU B 189 -16.37 11.29 14.49
N ASP B 190 -15.37 10.62 13.92
CA ASP B 190 -15.10 9.22 14.20
C ASP B 190 -13.62 9.12 14.54
N SER B 191 -13.32 8.46 15.65
CA SER B 191 -11.94 8.30 16.09
C SER B 191 -11.62 6.83 16.29
N TYR B 192 -10.52 6.39 15.67
CA TYR B 192 -10.12 4.99 15.69
C TYR B 192 -8.80 4.85 16.45
N HIS B 193 -8.73 3.85 17.31
CA HIS B 193 -7.55 3.63 18.13
C HIS B 193 -7.52 2.16 18.53
N TYR B 194 -6.97 1.32 17.65
CA TYR B 194 -6.97 -0.11 17.87
C TYR B 194 -5.87 -0.51 18.84
N GLU B 195 -6.19 -1.41 19.77
CA GLU B 195 -5.21 -1.90 20.73
C GLU B 195 -4.14 -2.72 20.02
C1 087 C . 3.78 -17.35 0.24
CL1 087 C . 17.66 -15.26 3.35
C2 087 C . 5.29 -17.35 0.30
CL2 087 C . 8.86 -16.90 -1.10
C3 087 C . 6.15 -17.04 -0.70
CL3 087 C . 5.78 -16.57 -2.36
C4 087 C . 7.44 -17.17 -0.15
C5 087 C . 7.33 -17.57 1.17
N6 087 C . 5.98 -17.66 1.43
C8 087 C . 8.36 -17.83 2.19
O9 087 C . 7.97 -18.15 3.32
N10 087 C . 9.68 -17.69 1.92
C11 087 C . 10.71 -17.89 2.96
C12 087 C . 12.08 -18.04 2.28
C13 087 C . 13.21 -17.95 3.32
N14 087 C . 13.05 -16.71 4.10
C15 087 C . 11.81 -16.64 4.87
C16 087 C . 10.66 -16.64 3.86
C17 087 C . 14.17 -16.17 4.71
C18 087 C . 14.18 -15.81 6.07
C19 087 C . 15.32 -15.25 6.63
C20 087 C . 16.43 -15.07 5.79
C21 087 C . 16.34 -15.44 4.46
N22 087 C . 15.24 -15.97 3.96
C24 087 C . 15.36 -14.89 8.08
O25 087 C . 14.39 -14.39 8.61
N26 087 C . 16.47 -15.11 8.82
MG MG D . 12.06 -21.77 -0.49
MG MG E . 0.39 -28.05 13.38
MG MG F . 8.75 -23.38 -7.25
C1 087 G . 1.30 16.09 7.85
CL1 087 G . 15.89 14.39 8.17
C2 087 G . 2.78 15.87 7.64
CL2 087 G . 6.01 16.02 5.54
C3 087 G . 3.49 16.16 6.53
CL3 087 G . 2.95 16.88 5.03
C4 087 G . 4.81 15.79 6.76
C5 087 G . 4.88 15.24 8.02
N6 087 G . 3.61 15.29 8.54
C8 087 G . 6.02 14.69 8.78
O9 087 G . 5.80 14.28 9.92
N10 087 G . 7.24 14.65 8.22
C11 087 G . 8.40 14.12 8.93
C12 087 G . 9.54 13.88 7.94
C13 087 G . 10.81 13.47 8.71
N14 087 G . 11.13 14.59 9.61
C15 087 G . 10.13 14.76 10.67
C16 087 G . 8.81 15.16 9.99
C17 087 G . 12.46 14.69 10.01
C18 087 G . 12.80 15.00 11.33
C19 087 G . 14.16 15.10 11.68
C20 087 G . 15.11 14.90 10.68
C21 087 G . 14.69 14.61 9.39
N22 087 G . 13.41 14.52 9.09
C24 087 G . 14.61 15.42 13.06
O25 087 G . 13.87 16.00 13.85
N26 087 G . 15.88 15.13 13.45
MG MG H . 11.68 2.78 10.53
MG MG I . -1.98 5.09 21.02
MG MG J . 4.99 10.71 1.39
#